data_3MX6
#
_entry.id   3MX6
#
_cell.length_a   50.370
_cell.length_b   67.550
_cell.length_c   80.890
_cell.angle_alpha   90.000
_cell.angle_beta   97.430
_cell.angle_gamma   90.000
#
_symmetry.space_group_name_H-M   'P 1 21 1'
#
loop_
_entity.id
_entity.type
_entity.pdbx_description
1 polymer 'Methionine aminopeptidase'
2 non-polymer METHIONINE
3 non-polymer 'MANGANESE (II) ION'
4 non-polymer 'SODIUM ION'
5 water water
#
_entity_poly.entity_id   1
_entity_poly.type   'polypeptide(L)'
_entity_poly.pdbx_seq_one_letter_code
;GPGSMIKIHTEKDFIKMRAAGKLAAETLDFITDHVKPNVTTNSLNDLCHNFITSHNAIPAPLNYKGFPKSICTSINHVVC
HGIPNDKPLKNGDIVNIDVTVILDGWYGDTSRMYYVGDVAIKPKRLIQVTYDAMMKGIEVVRPGAKLGDIGYAIQSYAEK
HNYSVVRDYTGHGIGRVFHDKPSILNYGRNGTGLTLKEGMFFTVEPMINAGNYDTILSKLDGWTVTTRDKSLSAQFEHTI
GVTKDGFEIFTLSPKKLDYPPY
;
_entity_poly.pdbx_strand_id   A,B
#
# COMPACT_ATOMS: atom_id res chain seq x y z
N ILE A 6 1.40 -31.77 -1.35
CA ILE A 6 1.98 -31.13 -0.14
C ILE A 6 3.51 -31.27 -0.13
N LYS A 7 4.17 -30.12 -0.10
CA LYS A 7 5.62 -30.05 -0.17
C LYS A 7 6.28 -30.53 1.12
N ILE A 8 7.32 -31.34 0.94
CA ILE A 8 8.14 -31.86 2.04
C ILE A 8 9.49 -31.14 2.00
N HIS A 9 9.80 -30.41 3.07
CA HIS A 9 10.97 -29.57 3.17
C HIS A 9 12.08 -30.28 3.95
N THR A 10 13.32 -29.86 3.71
CA THR A 10 14.44 -30.39 4.48
C THR A 10 15.05 -29.35 5.42
N GLU A 11 16.06 -29.75 6.20
CA GLU A 11 16.67 -28.91 7.25
C GLU A 11 17.12 -27.53 6.73
N LYS A 12 17.66 -27.49 5.50
CA LYS A 12 18.10 -26.23 4.88
C LYS A 12 16.94 -25.24 4.84
N ASP A 13 15.74 -25.75 4.61
CA ASP A 13 14.54 -24.91 4.46
C ASP A 13 14.04 -24.51 5.84
N PHE A 14 14.20 -25.42 6.82
CA PHE A 14 13.85 -25.10 8.20
C PHE A 14 14.67 -23.90 8.66
N ILE A 15 15.94 -23.85 8.27
CA ILE A 15 16.82 -22.76 8.70
C ILE A 15 16.28 -21.43 8.17
N LYS A 16 15.88 -21.41 6.91
CA LYS A 16 15.31 -20.24 6.26
C LYS A 16 13.99 -19.79 6.92
N MET A 17 13.15 -20.76 7.30
CA MET A 17 11.85 -20.48 7.90
C MET A 17 12.00 -19.97 9.32
N ARG A 18 13.00 -20.47 10.04
CA ARG A 18 13.31 -19.89 11.37
C ARG A 18 13.64 -18.39 11.26
N ALA A 19 14.41 -18.01 10.25
CA ALA A 19 14.80 -16.60 10.11
C ALA A 19 13.61 -15.71 9.72
N ALA A 20 12.80 -16.18 8.77
CA ALA A 20 11.60 -15.40 8.35
C ALA A 20 10.60 -15.27 9.50
N GLY A 21 10.35 -16.38 10.20
CA GLY A 21 9.40 -16.36 11.33
C GLY A 21 9.86 -15.50 12.49
N LYS A 22 11.19 -15.51 12.75
CA LYS A 22 11.76 -14.69 13.81
C LYS A 22 11.51 -13.21 13.52
N LEU A 23 11.80 -12.79 12.29
CA LEU A 23 11.59 -11.39 11.87
C LEU A 23 10.12 -10.99 11.96
N ALA A 24 9.22 -11.89 11.56
CA ALA A 24 7.77 -11.61 11.69
C ALA A 24 7.41 -11.39 13.17
N ALA A 25 7.94 -12.25 14.05
CA ALA A 25 7.66 -12.16 15.46
C ALA A 25 8.28 -10.93 16.09
N GLU A 26 9.48 -10.57 15.63
CA GLU A 26 10.13 -9.32 16.07
C GLU A 26 9.32 -8.08 15.67
N THR A 27 8.64 -8.15 14.53
CA THR A 27 7.74 -7.05 14.10
C THR A 27 6.62 -6.85 15.10
N LEU A 28 6.01 -7.96 15.52
CA LEU A 28 4.95 -7.92 16.54
C LEU A 28 5.49 -7.51 17.92
N ASP A 29 6.70 -7.93 18.28
CA ASP A 29 7.25 -7.44 19.57
C ASP A 29 7.35 -5.88 19.52
N PHE A 30 7.90 -5.40 18.40
CA PHE A 30 8.16 -3.97 18.19
C PHE A 30 6.90 -3.10 18.26
N ILE A 31 5.84 -3.58 17.62
CA ILE A 31 4.61 -2.77 17.52
C ILE A 31 3.88 -2.62 18.88
N THR A 32 4.13 -3.56 19.79
CA THR A 32 3.43 -3.63 21.07
C THR A 32 3.26 -2.27 21.74
N ASP A 33 4.37 -1.55 21.92
CA ASP A 33 4.36 -0.30 22.69
C ASP A 33 3.61 0.83 21.98
N HIS A 34 3.32 0.65 20.70
CA HIS A 34 2.64 1.68 19.93
C HIS A 34 1.12 1.58 19.91
N VAL A 35 0.59 0.47 20.41
CA VAL A 35 -0.84 0.25 20.43
C VAL A 35 -1.41 0.96 21.65
N LYS A 36 -2.06 2.08 21.41
CA LYS A 36 -2.61 2.91 22.47
C LYS A 36 -3.91 3.54 21.98
N PRO A 37 -4.73 4.04 22.91
CA PRO A 37 -5.91 4.77 22.47
C PRO A 37 -5.53 5.96 21.61
N ASN A 38 -6.36 6.25 20.61
CA ASN A 38 -6.21 7.39 19.69
C ASN A 38 -5.21 7.22 18.58
N VAL A 39 -4.49 6.09 18.57
CA VAL A 39 -3.61 5.75 17.46
C VAL A 39 -4.47 5.13 16.36
N THR A 40 -4.19 5.44 15.11
CA THR A 40 -4.91 4.78 14.02
C THR A 40 -4.21 3.51 13.56
N THR A 41 -4.99 2.59 12.97
CA THR A 41 -4.35 1.40 12.38
C THR A 41 -3.45 1.78 11.21
N ASN A 42 -3.77 2.89 10.53
CA ASN A 42 -2.86 3.37 9.45
C ASN A 42 -1.47 3.70 9.98
N SER A 43 -1.41 4.34 11.15
CA SER A 43 -0.10 4.60 11.79
CA SER A 43 -0.11 4.60 11.82
C SER A 43 0.62 3.31 12.13
N LEU A 44 -0.10 2.30 12.63
CA LEU A 44 0.53 1.02 12.97
C LEU A 44 1.03 0.33 11.71
N ASN A 45 0.26 0.40 10.62
CA ASN A 45 0.72 -0.15 9.32
C ASN A 45 2.06 0.47 8.85
N ASP A 46 2.22 1.79 8.99
CA ASP A 46 3.43 2.48 8.53
C ASP A 46 4.62 2.09 9.42
N LEU A 47 4.36 1.97 10.74
CA LEU A 47 5.40 1.51 11.67
C LEU A 47 5.88 0.12 11.31
N CYS A 48 4.96 -0.78 11.03
CA CYS A 48 5.36 -2.16 10.70
C CYS A 48 6.02 -2.20 9.32
N HIS A 49 5.49 -1.42 8.37
CA HIS A 49 6.06 -1.41 7.02
C HIS A 49 7.55 -1.07 7.07
N ASN A 50 7.87 0.01 7.79
CA ASN A 50 9.25 0.48 7.78
C ASN A 50 10.16 -0.41 8.62
N PHE A 51 9.60 -1.04 9.64
CA PHE A 51 10.35 -2.06 10.40
C PHE A 51 10.73 -3.21 9.48
N ILE A 52 9.74 -3.73 8.75
CA ILE A 52 9.97 -4.88 7.87
C ILE A 52 11.03 -4.57 6.81
N THR A 53 10.86 -3.45 6.11
CA THR A 53 11.75 -3.13 4.99
C THR A 53 13.16 -2.77 5.46
N SER A 54 13.29 -2.22 6.66
CA SER A 54 14.60 -1.82 7.18
C SER A 54 15.37 -3.05 7.67
N HIS A 55 14.68 -4.20 7.70
CA HIS A 55 15.29 -5.48 8.02
C HIS A 55 15.43 -6.37 6.79
N ASN A 56 15.50 -5.71 5.62
CA ASN A 56 15.84 -6.42 4.37
CA ASN A 56 15.75 -6.32 4.32
C ASN A 56 14.78 -7.42 3.94
N ALA A 57 13.52 -7.16 4.28
CA ALA A 57 12.43 -8.05 4.01
C ALA A 57 11.28 -7.30 3.34
N ILE A 58 10.34 -8.08 2.82
CA ILE A 58 9.13 -7.60 2.13
C ILE A 58 7.87 -7.92 2.94
N PRO A 59 6.94 -6.94 3.07
CA PRO A 59 5.64 -7.25 3.64
C PRO A 59 4.78 -7.99 2.60
N ALA A 60 4.55 -9.27 2.87
CA ALA A 60 3.80 -10.12 1.96
C ALA A 60 2.39 -9.60 1.62
N PRO A 61 1.67 -8.96 2.58
CA PRO A 61 0.29 -8.56 2.25
C PRO A 61 0.20 -7.46 1.20
N LEU A 62 1.27 -6.68 1.05
CA LEU A 62 1.20 -5.47 0.20
C LEU A 62 0.97 -5.83 -1.28
N ASN A 63 -0.21 -5.42 -1.75
CA ASN A 63 -0.74 -5.78 -3.08
C ASN A 63 -0.94 -7.27 -3.33
N TYR A 64 -0.99 -8.07 -2.27
CA TYR A 64 -1.38 -9.48 -2.42
C TYR A 64 -2.85 -9.57 -2.82
N LYS A 65 -3.09 -10.03 -4.04
CA LYS A 65 -4.45 -10.05 -4.58
C LYS A 65 -5.11 -8.65 -4.47
N GLY A 66 -4.29 -7.63 -4.62
CA GLY A 66 -4.74 -6.25 -4.51
C GLY A 66 -4.88 -5.64 -3.11
N PHE A 67 -4.58 -6.40 -2.06
CA PHE A 67 -4.66 -5.85 -0.68
C PHE A 67 -3.86 -4.57 -0.56
N PRO A 68 -4.48 -3.50 0.02
CA PRO A 68 -3.87 -2.18 -0.16
C PRO A 68 -2.86 -1.73 0.92
N LYS A 69 -2.55 -2.60 1.87
CA LYS A 69 -1.68 -2.23 3.00
C LYS A 69 -0.66 -3.31 3.31
N SER A 70 0.20 -3.07 4.30
CA SER A 70 1.35 -3.95 4.53
C SER A 70 1.09 -4.98 5.62
N ILE A 71 0.10 -4.72 6.48
CA ILE A 71 -0.34 -5.63 7.53
C ILE A 71 -1.90 -5.70 7.53
N CYS A 72 -2.46 -6.69 8.26
CA CYS A 72 -3.92 -6.69 8.49
C CYS A 72 -4.12 -6.29 9.93
N THR A 73 -5.10 -5.44 10.15
CA THR A 73 -5.47 -5.00 11.50
C THR A 73 -6.99 -5.15 11.66
N SER A 74 -7.42 -6.04 12.57
CA SER A 74 -8.82 -6.45 12.74
C SER A 74 -9.28 -6.08 14.16
N ILE A 75 -10.21 -5.13 14.23
CA ILE A 75 -10.67 -4.57 15.49
C ILE A 75 -12.04 -5.16 15.91
N ASN A 76 -12.16 -5.55 17.18
CA ASN A 76 -13.46 -5.99 17.78
C ASN A 76 -14.20 -7.08 16.99
N HIS A 77 -15.33 -6.75 16.37
CA HIS A 77 -16.12 -7.77 15.67
C HIS A 77 -15.58 -8.09 14.27
N VAL A 78 -14.50 -7.44 13.88
CA VAL A 78 -13.80 -7.87 12.66
C VAL A 78 -13.08 -9.17 12.97
N VAL A 79 -13.30 -10.15 12.10
CA VAL A 79 -12.80 -11.53 12.29
C VAL A 79 -11.38 -11.68 11.74
N CYS A 80 -11.15 -11.16 10.56
CA CYS A 80 -9.82 -11.24 9.95
C CYS A 80 -9.77 -10.30 8.74
N HIS A 81 -8.54 -10.06 8.28
CA HIS A 81 -8.25 -9.31 7.07
C HIS A 81 -8.68 -7.86 7.10
N GLY A 82 -8.79 -7.28 8.30
CA GLY A 82 -9.13 -5.85 8.38
C GLY A 82 -8.05 -5.00 7.72
N ILE A 83 -8.48 -3.89 7.13
CA ILE A 83 -7.59 -3.00 6.39
C ILE A 83 -7.26 -1.77 7.21
N PRO A 84 -5.96 -1.54 7.46
CA PRO A 84 -5.59 -0.33 8.18
C PRO A 84 -6.28 0.92 7.60
N ASN A 85 -6.77 1.79 8.48
CA ASN A 85 -7.50 2.98 8.08
C ASN A 85 -7.30 4.10 9.09
N ASP A 86 -8.01 5.22 8.86
CA ASP A 86 -7.82 6.42 9.68
C ASP A 86 -8.64 6.52 10.96
N LYS A 87 -9.32 5.43 11.35
CA LYS A 87 -10.17 5.53 12.56
C LYS A 87 -9.28 5.40 13.79
N PRO A 88 -9.50 6.27 14.77
CA PRO A 88 -8.75 6.18 16.03
C PRO A 88 -9.16 4.93 16.81
N LEU A 89 -8.19 4.17 17.32
CA LEU A 89 -8.48 3.07 18.25
C LEU A 89 -9.03 3.68 19.52
N LYS A 90 -10.00 2.99 20.14
CA LYS A 90 -10.68 3.54 21.31
C LYS A 90 -10.36 2.69 22.53
N ASN A 91 -10.30 3.33 23.70
CA ASN A 91 -10.17 2.62 24.96
C ASN A 91 -11.18 1.48 25.02
N GLY A 92 -10.71 0.27 25.37
CA GLY A 92 -11.59 -0.88 25.45
C GLY A 92 -11.65 -1.76 24.21
N ASP A 93 -11.14 -1.23 23.09
CA ASP A 93 -11.06 -2.02 21.86
C ASP A 93 -10.06 -3.18 22.03
N ILE A 94 -10.27 -4.21 21.23
CA ILE A 94 -9.26 -5.25 21.03
C ILE A 94 -8.89 -5.26 19.57
N VAL A 95 -7.63 -5.58 19.30
CA VAL A 95 -7.16 -5.57 17.91
C VAL A 95 -6.23 -6.72 17.66
N ASN A 96 -6.45 -7.43 16.54
CA ASN A 96 -5.45 -8.37 16.00
C ASN A 96 -4.53 -7.63 15.02
N ILE A 97 -3.23 -7.82 15.21
CA ILE A 97 -2.25 -7.34 14.23
C ILE A 97 -1.61 -8.55 13.61
N ASP A 98 -1.72 -8.66 12.28
CA ASP A 98 -1.29 -9.83 11.55
C ASP A 98 -0.22 -9.45 10.52
N VAL A 99 0.98 -10.04 10.67
CA VAL A 99 2.17 -9.70 9.88
C VAL A 99 2.57 -10.92 9.10
N THR A 100 2.95 -10.72 7.84
CA THR A 100 3.69 -11.73 7.09
C THR A 100 4.87 -11.04 6.38
N VAL A 101 6.06 -11.58 6.61
CA VAL A 101 7.25 -11.08 5.94
C VAL A 101 7.77 -12.12 4.96
N ILE A 102 8.43 -11.64 3.90
CA ILE A 102 9.19 -12.54 3.01
C ILE A 102 10.69 -12.19 3.18
N LEU A 103 11.49 -13.17 3.56
CA LEU A 103 12.91 -12.95 3.85
C LEU A 103 13.67 -14.00 3.09
N ASP A 104 14.45 -13.52 2.12
CA ASP A 104 15.17 -14.40 1.19
C ASP A 104 14.25 -15.43 0.55
N GLY A 105 13.02 -15.01 0.25
CA GLY A 105 12.09 -15.85 -0.47
C GLY A 105 11.20 -16.78 0.36
N TRP A 106 11.34 -16.75 1.69
CA TRP A 106 10.55 -17.61 2.58
C TRP A 106 9.61 -16.75 3.42
N TYR A 107 8.39 -17.27 3.65
CA TYR A 107 7.31 -16.48 4.30
C TYR A 107 7.17 -16.83 5.77
N GLY A 108 7.11 -15.81 6.64
CA GLY A 108 6.88 -16.00 8.08
C GLY A 108 5.59 -15.27 8.44
N ASP A 109 4.60 -16.01 8.95
CA ASP A 109 3.22 -15.49 9.12
C ASP A 109 2.78 -15.63 10.57
N THR A 110 2.46 -14.50 11.24
CA THR A 110 2.06 -14.59 12.65
C THR A 110 1.19 -13.39 13.06
N SER A 111 0.24 -13.63 13.98
CA SER A 111 -0.57 -12.52 14.48
C SER A 111 -0.76 -12.68 15.97
N ARG A 112 -1.08 -11.55 16.62
CA ARG A 112 -1.41 -11.57 18.07
C ARG A 112 -2.52 -10.57 18.34
N MET A 113 -3.21 -10.76 19.47
CA MET A 113 -4.20 -9.82 19.98
C MET A 113 -3.59 -8.82 20.92
N TYR A 114 -4.13 -7.60 20.88
CA TYR A 114 -3.60 -6.51 21.68
C TYR A 114 -4.76 -5.83 22.35
N TYR A 115 -4.55 -5.39 23.59
CA TYR A 115 -5.48 -4.53 24.29
C TYR A 115 -5.28 -3.06 23.88
N VAL A 116 -6.38 -2.32 23.77
CA VAL A 116 -6.27 -0.87 23.60
C VAL A 116 -6.73 -0.25 24.90
N GLY A 117 -5.80 0.32 25.67
CA GLY A 117 -6.14 0.88 26.98
C GLY A 117 -6.65 -0.17 27.93
N ASP A 118 -7.72 0.16 28.65
CA ASP A 118 -8.34 -0.73 29.64
C ASP A 118 -9.44 -1.57 29.01
N VAL A 119 -9.26 -2.88 29.03
CA VAL A 119 -10.17 -3.82 28.39
C VAL A 119 -11.02 -4.57 29.42
N ALA A 120 -12.29 -4.78 29.09
CA ALA A 120 -13.21 -5.48 29.98
C ALA A 120 -12.93 -6.98 30.14
N ILE A 121 -13.48 -7.55 31.21
CA ILE A 121 -13.26 -8.97 31.50
C ILE A 121 -13.61 -9.93 30.37
N LYS A 122 -14.77 -9.73 29.73
CA LYS A 122 -15.25 -10.67 28.73
C LYS A 122 -14.38 -10.72 27.44
N PRO A 123 -13.98 -9.54 26.91
CA PRO A 123 -13.01 -9.57 25.80
C PRO A 123 -11.70 -10.24 26.21
N LYS A 124 -11.24 -9.99 27.44
CA LYS A 124 -9.99 -10.61 27.86
C LYS A 124 -10.09 -12.13 27.92
N ARG A 125 -11.28 -12.66 28.29
CA ARG A 125 -11.47 -14.11 28.37
C ARG A 125 -11.42 -14.69 26.97
N LEU A 126 -12.12 -14.04 26.04
CA LEU A 126 -12.15 -14.49 24.64
C LEU A 126 -10.74 -14.58 24.04
N ILE A 127 -9.97 -13.51 24.20
CA ILE A 127 -8.55 -13.52 23.79
C ILE A 127 -7.74 -14.68 24.38
N GLN A 128 -7.83 -14.86 25.69
CA GLN A 128 -7.05 -15.93 26.32
C GLN A 128 -7.42 -17.31 25.82
N VAL A 129 -8.73 -17.57 25.74
CA VAL A 129 -9.21 -18.84 25.18
C VAL A 129 -8.68 -19.08 23.76
N THR A 130 -8.68 -18.03 22.94
CA THR A 130 -8.16 -18.14 21.56
C THR A 130 -6.68 -18.51 21.51
N TYR A 131 -5.86 -17.85 22.32
CA TYR A 131 -4.46 -18.21 22.39
C TYR A 131 -4.30 -19.67 22.82
N ASP A 132 -4.99 -20.03 23.89
CA ASP A 132 -4.88 -21.40 24.44
C ASP A 132 -5.29 -22.43 23.37
N ALA A 133 -6.36 -22.12 22.62
CA ALA A 133 -6.89 -23.04 21.62
C ALA A 133 -5.91 -23.27 20.49
N MET A 134 -5.33 -22.16 19.97
CA MET A 134 -4.20 -22.26 19.06
C MET A 134 -3.15 -23.23 19.57
N MET A 135 -2.73 -23.08 20.82
CA MET A 135 -1.65 -23.92 21.33
C MET A 135 -2.09 -25.38 21.46
N LYS A 136 -3.36 -25.63 21.80
CA LYS A 136 -3.87 -27.02 21.80
C LYS A 136 -3.75 -27.65 20.42
N GLY A 137 -4.02 -26.83 19.40
CA GLY A 137 -3.91 -27.31 18.01
C GLY A 137 -2.50 -27.62 17.59
N ILE A 138 -1.59 -26.71 17.88
CA ILE A 138 -0.18 -26.92 17.54
C ILE A 138 0.36 -28.15 18.28
N GLU A 139 -0.04 -28.30 19.54
CA GLU A 139 0.50 -29.35 20.40
C GLU A 139 0.23 -30.81 20.00
N VAL A 140 -0.79 -31.04 19.15
CA VAL A 140 -0.98 -32.40 18.62
C VAL A 140 -0.08 -32.74 17.44
N VAL A 141 0.63 -31.74 16.90
CA VAL A 141 1.35 -31.92 15.63
C VAL A 141 2.59 -32.80 15.79
N ARG A 142 2.67 -33.82 14.95
CA ARG A 142 3.82 -34.77 14.89
C ARG A 142 3.55 -35.67 13.67
N PRO A 143 4.60 -36.32 13.13
CA PRO A 143 4.33 -37.22 12.02
C PRO A 143 3.34 -38.30 12.47
N GLY A 144 2.40 -38.64 11.60
CA GLY A 144 1.39 -39.67 11.93
C GLY A 144 0.11 -39.14 12.56
N ALA A 145 0.18 -37.96 13.18
CA ALA A 145 -1.07 -37.29 13.56
C ALA A 145 -1.80 -36.87 12.27
N LYS A 146 -3.09 -36.53 12.37
CA LYS A 146 -3.87 -36.19 11.19
C LYS A 146 -4.42 -34.76 11.27
N LEU A 147 -4.68 -34.14 10.13
CA LEU A 147 -5.15 -32.72 10.15
C LEU A 147 -6.34 -32.50 11.06
N GLY A 148 -7.26 -33.47 11.08
CA GLY A 148 -8.47 -33.35 11.91
C GLY A 148 -8.21 -33.28 13.41
N ASP A 149 -7.04 -33.77 13.82
CA ASP A 149 -6.62 -33.75 15.23
C ASP A 149 -6.37 -32.31 15.64
N ILE A 150 -5.83 -31.52 14.71
CA ILE A 150 -5.58 -30.10 14.96
C ILE A 150 -6.91 -29.39 15.18
N GLY A 151 -7.83 -29.61 14.24
CA GLY A 151 -9.16 -28.97 14.32
C GLY A 151 -9.93 -29.39 15.56
N TYR A 152 -9.87 -30.68 15.88
CA TYR A 152 -10.61 -31.17 17.06
C TYR A 152 -10.10 -30.49 18.33
N ALA A 153 -8.78 -30.36 18.44
CA ALA A 153 -8.18 -29.77 19.65
C ALA A 153 -8.59 -28.31 19.84
N ILE A 154 -8.56 -27.56 18.74
CA ILE A 154 -8.96 -26.14 18.79
C ILE A 154 -10.44 -26.01 19.10
N GLN A 155 -11.26 -26.72 18.33
CA GLN A 155 -12.71 -26.63 18.47
C GLN A 155 -13.18 -27.08 19.86
N SER A 156 -12.58 -28.15 20.37
CA SER A 156 -13.02 -28.65 21.69
C SER A 156 -12.75 -27.61 22.75
N TYR A 157 -11.55 -27.01 22.69
CA TYR A 157 -11.15 -26.04 23.70
C TYR A 157 -12.03 -24.78 23.62
N ALA A 158 -12.31 -24.31 22.41
CA ALA A 158 -13.14 -23.11 22.29
C ALA A 158 -14.59 -23.36 22.75
N GLU A 159 -15.15 -24.46 22.28
CA GLU A 159 -16.56 -24.76 22.52
C GLU A 159 -16.83 -25.08 24.01
N LYS A 160 -15.83 -25.57 24.74
CA LYS A 160 -16.06 -25.92 26.15
C LYS A 160 -16.27 -24.62 26.95
N HIS A 161 -15.81 -23.49 26.37
CA HIS A 161 -15.94 -22.15 26.95
C HIS A 161 -17.09 -21.33 26.36
N ASN A 162 -17.98 -22.03 25.65
CA ASN A 162 -19.17 -21.45 24.99
C ASN A 162 -18.89 -20.45 23.86
N TYR A 163 -17.74 -20.59 23.22
CA TYR A 163 -17.43 -19.81 22.03
C TYR A 163 -17.61 -20.65 20.77
N SER A 164 -17.57 -20.00 19.61
CA SER A 164 -17.71 -20.72 18.34
C SER A 164 -16.46 -20.55 17.49
N VAL A 165 -16.27 -21.48 16.56
CA VAL A 165 -15.10 -21.50 15.69
C VAL A 165 -15.48 -21.14 14.27
N VAL A 166 -14.85 -20.10 13.72
CA VAL A 166 -15.11 -19.65 12.37
C VAL A 166 -14.75 -20.79 11.41
N ARG A 167 -15.63 -21.08 10.46
CA ARG A 167 -15.45 -22.19 9.52
C ARG A 167 -14.93 -21.78 8.15
N ASP A 168 -15.16 -20.52 7.78
CA ASP A 168 -15.02 -20.07 6.37
C ASP A 168 -13.59 -19.71 6.02
N TYR A 169 -12.75 -19.58 7.04
CA TYR A 169 -11.35 -19.17 6.88
C TYR A 169 -10.51 -20.15 7.66
N THR A 170 -9.33 -20.46 7.10
CA THR A 170 -8.48 -21.51 7.61
C THR A 170 -7.01 -21.09 7.62
N GLY A 171 -6.20 -21.88 8.32
CA GLY A 171 -4.70 -21.87 8.19
C GLY A 171 -4.29 -22.53 6.87
N HIS A 172 -2.99 -22.58 6.60
CA HIS A 172 -2.52 -22.93 5.23
C HIS A 172 -1.08 -23.39 5.23
N GLY A 173 -0.74 -24.24 4.25
CA GLY A 173 0.67 -24.44 3.88
C GLY A 173 1.33 -23.12 3.55
N ILE A 174 2.64 -23.08 3.77
CA ILE A 174 3.44 -21.88 3.63
C ILE A 174 4.91 -22.33 3.47
N GLY A 175 5.70 -21.49 2.83
CA GLY A 175 7.14 -21.76 2.60
C GLY A 175 7.68 -20.73 1.65
N ARG A 176 7.89 -21.12 0.39
CA ARG A 176 8.25 -20.19 -0.66
C ARG A 176 6.99 -19.61 -1.31
N VAL A 177 5.84 -20.07 -0.83
CA VAL A 177 4.50 -19.59 -1.26
C VAL A 177 3.81 -19.04 -0.02
N PHE A 178 2.96 -18.02 -0.16
CA PHE A 178 2.22 -17.45 0.98
C PHE A 178 1.15 -18.46 1.41
N HIS A 179 0.31 -18.86 0.47
CA HIS A 179 -0.82 -19.77 0.76
C HIS A 179 -0.73 -21.03 -0.09
N ASP A 180 -0.27 -22.11 0.52
CA ASP A 180 -0.09 -23.39 -0.18
C ASP A 180 -0.95 -24.46 0.49
N LYS A 181 -0.93 -25.67 -0.06
CA LYS A 181 -1.65 -26.82 0.47
C LYS A 181 -0.96 -27.28 1.74
N PRO A 182 -1.73 -27.83 2.71
CA PRO A 182 -3.16 -28.01 2.67
C PRO A 182 -3.85 -26.90 3.48
N SER A 183 -5.18 -26.94 3.49
CA SER A 183 -5.95 -26.07 4.37
C SER A 183 -5.94 -26.65 5.77
N ILE A 184 -5.68 -25.80 6.76
CA ILE A 184 -5.60 -26.23 8.14
C ILE A 184 -6.89 -25.73 8.80
N LEU A 185 -7.91 -26.59 8.86
CA LEU A 185 -9.20 -26.19 9.42
C LEU A 185 -9.09 -26.08 10.93
N ASN A 186 -9.85 -25.14 11.48
CA ASN A 186 -9.87 -24.88 12.91
C ASN A 186 -10.96 -25.65 13.67
N TYR A 187 -11.60 -26.55 12.94
CA TYR A 187 -12.65 -27.42 13.50
C TYR A 187 -12.44 -28.79 12.86
N GLY A 188 -12.85 -29.84 13.57
CA GLY A 188 -12.72 -31.16 12.98
C GLY A 188 -12.90 -32.27 13.97
N ARG A 189 -12.62 -33.49 13.51
CA ARG A 189 -12.79 -34.68 14.31
C ARG A 189 -11.48 -35.46 14.38
N ASN A 190 -11.19 -36.02 15.56
CA ASN A 190 -9.99 -36.82 15.72
C ASN A 190 -9.86 -37.91 14.69
N GLY A 191 -8.63 -38.14 14.23
CA GLY A 191 -8.31 -39.28 13.38
C GLY A 191 -8.81 -39.16 11.96
N THR A 192 -9.24 -37.97 11.57
CA THR A 192 -9.66 -37.73 10.18
C THR A 192 -8.72 -36.73 9.48
N GLY A 193 -8.82 -36.71 8.14
CA GLY A 193 -8.01 -35.82 7.31
C GLY A 193 -6.66 -36.43 6.98
N LEU A 194 -5.89 -35.72 6.17
CA LEU A 194 -4.64 -36.28 5.72
C LEU A 194 -3.60 -36.38 6.84
N THR A 195 -2.61 -37.23 6.61
CA THR A 195 -1.62 -37.57 7.61
C THR A 195 -0.43 -36.62 7.59
N LEU A 196 -0.07 -36.12 8.77
CA LEU A 196 1.08 -35.23 8.90
C LEU A 196 2.40 -35.97 8.70
N LYS A 197 3.34 -35.29 8.07
CA LYS A 197 4.66 -35.85 7.81
C LYS A 197 5.75 -34.83 8.13
N GLU A 198 6.89 -35.35 8.58
CA GLU A 198 8.08 -34.52 8.79
C GLU A 198 8.37 -33.69 7.56
N GLY A 199 8.56 -32.38 7.77
CA GLY A 199 8.95 -31.49 6.68
C GLY A 199 7.82 -30.65 6.14
N MET A 200 6.61 -30.85 6.67
CA MET A 200 5.49 -30.00 6.28
C MET A 200 5.54 -28.69 7.08
N PHE A 201 5.26 -27.58 6.39
CA PHE A 201 5.15 -26.25 7.03
C PHE A 201 3.75 -25.72 6.82
N PHE A 202 3.13 -25.17 7.87
CA PHE A 202 1.80 -24.59 7.71
C PHE A 202 1.51 -23.66 8.89
N THR A 203 0.45 -22.87 8.76
CA THR A 203 0.00 -22.02 9.84
C THR A 203 -1.12 -22.64 10.66
N VAL A 204 -1.19 -22.20 11.91
CA VAL A 204 -2.31 -22.48 12.78
C VAL A 204 -2.83 -21.13 13.24
N GLU A 205 -4.07 -20.81 12.83
CA GLU A 205 -4.60 -19.44 12.95
C GLU A 205 -6.11 -19.39 13.24
N PRO A 206 -6.50 -19.91 14.41
CA PRO A 206 -7.93 -19.95 14.71
C PRO A 206 -8.55 -18.60 14.93
N MET A 207 -9.76 -18.44 14.42
CA MET A 207 -10.62 -17.30 14.69
C MET A 207 -11.81 -17.79 15.50
N ILE A 208 -11.98 -17.20 16.69
CA ILE A 208 -12.95 -17.69 17.67
C ILE A 208 -13.92 -16.54 17.96
N ASN A 209 -15.24 -16.80 17.92
CA ASN A 209 -16.25 -15.75 18.17
C ASN A 209 -16.91 -15.89 19.52
N ALA A 210 -17.24 -14.77 20.15
CA ALA A 210 -17.98 -14.81 21.41
C ALA A 210 -19.42 -15.32 21.20
N GLY A 211 -19.98 -15.08 20.01
CA GLY A 211 -21.37 -15.48 19.66
C GLY A 211 -21.37 -16.66 18.69
N ASN A 212 -22.08 -16.52 17.58
CA ASN A 212 -22.22 -17.56 16.59
C ASN A 212 -21.08 -17.52 15.56
N TYR A 213 -20.85 -18.62 14.84
CA TYR A 213 -19.71 -18.66 13.94
C TYR A 213 -19.87 -18.00 12.57
N ASP A 214 -21.10 -17.60 12.23
CA ASP A 214 -21.37 -17.08 10.88
C ASP A 214 -20.61 -15.76 10.67
N THR A 215 -20.04 -15.61 9.50
CA THR A 215 -19.31 -14.39 9.14
C THR A 215 -19.85 -13.73 7.85
N ILE A 216 -19.43 -12.50 7.58
CA ILE A 216 -19.84 -11.75 6.39
C ILE A 216 -18.62 -11.06 5.82
N LEU A 217 -18.45 -11.14 4.49
CA LEU A 217 -17.37 -10.44 3.77
C LEU A 217 -17.87 -9.07 3.29
N SER A 218 -17.05 -8.03 3.47
CA SER A 218 -17.43 -6.66 3.07
C SER A 218 -17.75 -6.60 1.58
N LYS A 219 -18.93 -6.03 1.26
CA LYS A 219 -19.29 -5.80 -0.14
C LYS A 219 -18.50 -4.63 -0.72
N LEU A 220 -17.88 -3.82 0.16
CA LEU A 220 -17.30 -2.53 -0.19
C LEU A 220 -15.81 -2.59 -0.42
N ASP A 221 -15.07 -3.33 0.41
CA ASP A 221 -13.61 -3.36 0.29
C ASP A 221 -13.02 -4.70 -0.18
N GLY A 222 -13.88 -5.73 -0.26
CA GLY A 222 -13.52 -7.08 -0.74
C GLY A 222 -12.68 -7.96 0.17
N TRP A 223 -12.46 -7.50 1.41
CA TRP A 223 -11.51 -8.12 2.31
C TRP A 223 -12.04 -8.29 3.74
N THR A 224 -12.59 -7.22 4.30
CA THR A 224 -12.89 -7.21 5.75
C THR A 224 -13.96 -8.25 6.06
N VAL A 225 -13.62 -9.19 6.95
CA VAL A 225 -14.59 -10.19 7.41
C VAL A 225 -15.08 -9.81 8.81
N THR A 226 -16.41 -9.82 9.01
CA THR A 226 -16.99 -9.50 10.31
C THR A 226 -17.93 -10.59 10.80
N THR A 227 -18.23 -10.58 12.11
CA THR A 227 -19.20 -11.55 12.64
C THR A 227 -20.58 -11.09 12.21
N ARG A 228 -21.39 -12.04 11.79
CA ARG A 228 -22.77 -11.70 11.41
C ARG A 228 -23.60 -11.13 12.57
N ASP A 229 -23.38 -11.66 13.79
CA ASP A 229 -24.10 -11.18 14.98
C ASP A 229 -23.44 -9.99 15.68
N LYS A 230 -22.34 -9.53 15.10
CA LYS A 230 -21.54 -8.42 15.61
C LYS A 230 -20.93 -8.71 16.99
N SER A 231 -20.82 -9.99 17.34
CA SER A 231 -20.09 -10.38 18.55
C SER A 231 -18.59 -10.21 18.32
N LEU A 232 -17.83 -10.08 19.41
CA LEU A 232 -16.36 -9.99 19.33
C LEU A 232 -15.77 -11.28 18.76
N SER A 233 -14.65 -11.13 18.06
CA SER A 233 -13.93 -12.27 17.51
C SER A 233 -12.44 -12.04 17.79
N ALA A 234 -11.71 -13.11 18.13
CA ALA A 234 -10.25 -12.99 18.34
C ALA A 234 -9.49 -14.05 17.54
N GLN A 235 -8.20 -13.77 17.28
CA GLN A 235 -7.37 -14.67 16.46
C GLN A 235 -5.92 -14.59 16.98
N PHE A 236 -5.20 -15.72 16.94
CA PHE A 236 -3.74 -15.76 17.07
C PHE A 236 -3.25 -16.63 15.92
N GLU A 237 -2.01 -16.41 15.50
CA GLU A 237 -1.43 -17.26 14.46
C GLU A 237 0.04 -17.53 14.66
N HIS A 238 0.47 -18.76 14.33
CA HIS A 238 1.88 -19.10 14.28
C HIS A 238 2.13 -19.84 13.01
N THR A 239 3.36 -19.76 12.55
CA THR A 239 3.83 -20.61 11.47
C THR A 239 4.67 -21.73 12.12
N ILE A 240 4.38 -22.97 11.74
CA ILE A 240 5.05 -24.13 12.32
C ILE A 240 5.56 -25.10 11.29
N GLY A 241 6.41 -26.00 11.76
CA GLY A 241 6.90 -27.11 10.95
C GLY A 241 6.80 -28.43 11.70
N VAL A 242 6.60 -29.51 10.95
CA VAL A 242 6.58 -30.86 11.51
C VAL A 242 7.99 -31.42 11.55
N THR A 243 8.41 -31.86 12.73
CA THR A 243 9.77 -32.37 12.92
C THR A 243 9.71 -33.88 12.93
N LYS A 244 10.85 -34.54 13.16
CA LYS A 244 10.88 -36.01 13.20
C LYS A 244 9.94 -36.60 14.25
N ASP A 245 9.74 -35.91 15.36
CA ASP A 245 8.85 -36.45 16.39
C ASP A 245 7.89 -35.46 17.03
N GLY A 246 7.77 -34.28 16.46
CA GLY A 246 6.88 -33.29 17.04
C GLY A 246 6.71 -32.12 16.09
N PHE A 247 6.78 -30.91 16.66
CA PHE A 247 6.62 -29.66 15.90
C PHE A 247 7.72 -28.67 16.29
N GLU A 248 7.86 -27.65 15.46
CA GLU A 248 8.70 -26.50 15.79
C GLU A 248 7.92 -25.22 15.42
N ILE A 249 7.81 -24.28 16.35
CA ILE A 249 7.14 -23.02 16.03
C ILE A 249 8.20 -22.06 15.54
N PHE A 250 7.98 -21.46 14.37
CA PHE A 250 8.99 -20.57 13.76
C PHE A 250 8.83 -19.11 14.15
N THR A 251 7.69 -18.77 14.75
CA THR A 251 7.26 -17.40 14.97
C THR A 251 7.10 -17.10 16.46
N LEU A 252 7.84 -17.78 17.33
CA LEU A 252 7.78 -17.42 18.75
C LEU A 252 8.33 -16.03 19.01
N SER A 253 7.65 -15.26 19.88
CA SER A 253 8.16 -13.95 20.29
C SER A 253 9.51 -14.09 20.97
N PRO A 254 10.54 -13.38 20.46
CA PRO A 254 11.81 -13.48 21.20
C PRO A 254 11.76 -12.91 22.61
N LYS A 255 10.91 -11.91 22.81
CA LYS A 255 10.74 -11.25 24.12
C LYS A 255 9.68 -11.90 25.00
N LYS A 256 9.17 -13.05 24.56
CA LYS A 256 8.14 -13.80 25.29
C LYS A 256 6.86 -12.99 25.45
N LEU A 257 6.54 -12.18 24.44
CA LEU A 257 5.30 -11.42 24.42
C LEU A 257 4.28 -12.25 23.69
N ASP A 258 3.87 -13.33 24.33
CA ASP A 258 3.07 -14.35 23.64
C ASP A 258 1.57 -13.99 23.57
N TYR A 259 1.07 -13.36 24.64
CA TYR A 259 -0.35 -12.99 24.72
C TYR A 259 -0.49 -11.89 25.78
N PRO A 260 -1.53 -11.05 25.65
CA PRO A 260 -1.63 -9.89 26.54
C PRO A 260 -2.09 -10.28 27.95
N PRO A 261 -1.84 -9.42 28.95
CA PRO A 261 -1.12 -8.15 28.87
C PRO A 261 0.37 -8.34 28.62
N TYR A 262 0.97 -7.39 27.92
CA TYR A 262 2.39 -7.43 27.55
C TYR A 262 3.26 -6.64 28.53
N GLY B 3 19.19 0.95 -24.60
CA GLY B 3 17.88 1.56 -24.36
C GLY B 3 16.73 0.62 -24.72
N SER B 4 15.60 1.21 -25.10
CA SER B 4 14.48 0.43 -25.62
C SER B 4 13.64 1.24 -26.60
N MET B 5 12.80 0.53 -27.35
CA MET B 5 12.05 1.09 -28.48
C MET B 5 10.95 2.04 -28.02
N ILE B 6 10.80 3.16 -28.72
CA ILE B 6 9.67 4.07 -28.46
C ILE B 6 8.42 3.52 -29.13
N LYS B 7 7.37 3.35 -28.35
CA LYS B 7 6.16 2.69 -28.85
C LYS B 7 5.36 3.69 -29.68
N ILE B 8 4.95 3.27 -30.88
CA ILE B 8 4.06 4.05 -31.74
C ILE B 8 2.65 3.42 -31.72
N HIS B 9 1.67 4.24 -31.35
CA HIS B 9 0.29 3.78 -31.15
C HIS B 9 -0.64 4.29 -32.24
N THR B 10 -1.72 3.55 -32.48
CA THR B 10 -2.76 3.99 -33.40
C THR B 10 -4.02 4.38 -32.64
N GLU B 11 -5.02 4.88 -33.37
CA GLU B 11 -6.26 5.39 -32.77
C GLU B 11 -6.92 4.45 -31.75
N LYS B 12 -6.87 3.14 -31.97
CA LYS B 12 -7.50 2.20 -31.04
C LYS B 12 -6.91 2.32 -29.63
N ASP B 13 -5.61 2.60 -29.56
CA ASP B 13 -4.91 2.79 -28.30
C ASP B 13 -5.18 4.16 -27.71
N PHE B 14 -5.41 5.16 -28.55
CA PHE B 14 -5.80 6.49 -28.05
C PHE B 14 -7.12 6.39 -27.28
N ILE B 15 -8.04 5.59 -27.82
CA ILE B 15 -9.31 5.36 -27.17
C ILE B 15 -9.10 4.83 -25.73
N LYS B 16 -8.23 3.85 -25.61
CA LYS B 16 -7.90 3.27 -24.31
CA LYS B 16 -7.93 3.27 -24.30
C LYS B 16 -7.24 4.26 -23.37
N MET B 17 -6.35 5.11 -23.92
CA MET B 17 -5.66 6.10 -23.10
C MET B 17 -6.60 7.22 -22.65
N ARG B 18 -7.57 7.57 -23.50
CA ARG B 18 -8.58 8.56 -23.09
C ARG B 18 -9.34 8.07 -21.84
N ALA B 19 -9.73 6.80 -21.84
CA ALA B 19 -10.53 6.25 -20.73
C ALA B 19 -9.70 6.19 -19.44
N ALA B 20 -8.46 5.70 -19.57
CA ALA B 20 -7.56 5.62 -18.39
C ALA B 20 -7.27 7.02 -17.84
N GLY B 21 -6.94 7.95 -18.73
CA GLY B 21 -6.66 9.33 -18.33
C GLY B 21 -7.84 10.02 -17.69
N LYS B 22 -9.04 9.78 -18.24
CA LYS B 22 -10.26 10.39 -17.68
C LYS B 22 -10.48 9.92 -16.25
N LEU B 23 -10.36 8.60 -16.02
CA LEU B 23 -10.51 8.08 -14.66
C LEU B 23 -9.47 8.65 -13.69
N ALA B 24 -8.23 8.80 -14.14
CA ALA B 24 -7.22 9.41 -13.28
C ALA B 24 -7.61 10.84 -12.95
N ALA B 25 -8.02 11.60 -13.98
CA ALA B 25 -8.47 12.98 -13.74
C ALA B 25 -9.72 13.07 -12.85
N GLU B 26 -10.65 12.13 -13.01
CA GLU B 26 -11.81 12.04 -12.12
C GLU B 26 -11.45 11.75 -10.66
N THR B 27 -10.39 10.98 -10.43
CA THR B 27 -9.90 10.73 -9.08
C THR B 27 -9.48 12.03 -8.43
N LEU B 28 -8.74 12.87 -9.19
CA LEU B 28 -8.29 14.15 -8.66
C LEU B 28 -9.46 15.11 -8.47
N ASP B 29 -10.42 15.12 -9.40
CA ASP B 29 -11.65 15.88 -9.17
C ASP B 29 -12.31 15.52 -7.81
N PHE B 30 -12.49 14.22 -7.61
CA PHE B 30 -13.13 13.69 -6.41
C PHE B 30 -12.43 14.08 -5.10
N ILE B 31 -11.11 14.04 -5.09
CA ILE B 31 -10.35 14.20 -3.84
C ILE B 31 -10.38 15.66 -3.37
N THR B 32 -10.65 16.59 -4.30
CA THR B 32 -10.51 18.04 -4.08
C THR B 32 -11.12 18.50 -2.75
N ASP B 33 -12.37 18.13 -2.54
CA ASP B 33 -13.12 18.65 -1.38
C ASP B 33 -12.67 18.05 -0.05
N HIS B 34 -11.85 17.00 -0.13
CA HIS B 34 -11.36 16.35 1.08
C HIS B 34 -10.04 16.93 1.58
N VAL B 35 -9.42 17.80 0.79
CA VAL B 35 -8.13 18.40 1.15
C VAL B 35 -8.37 19.62 2.04
N LYS B 36 -8.20 19.44 3.35
CA LYS B 36 -8.52 20.50 4.33
C LYS B 36 -7.47 20.41 5.43
N PRO B 37 -7.28 21.47 6.21
CA PRO B 37 -6.40 21.35 7.37
C PRO B 37 -6.83 20.23 8.31
N ASN B 38 -5.83 19.60 8.92
CA ASN B 38 -6.00 18.51 9.86
C ASN B 38 -6.35 17.14 9.27
N VAL B 39 -6.47 17.04 7.95
CA VAL B 39 -6.69 15.75 7.28
C VAL B 39 -5.30 15.16 7.03
N THR B 40 -5.13 13.86 7.20
CA THR B 40 -3.82 13.27 6.90
C THR B 40 -3.74 12.82 5.45
N THR B 41 -2.51 12.69 4.94
CA THR B 41 -2.35 12.19 3.57
C THR B 41 -2.73 10.69 3.50
N ASN B 42 -2.55 9.98 4.61
CA ASN B 42 -3.10 8.61 4.69
C ASN B 42 -4.60 8.54 4.45
N SER B 43 -5.40 9.44 5.05
CA SER B 43 -6.84 9.51 4.74
CA SER B 43 -6.84 9.47 4.74
C SER B 43 -7.09 9.73 3.25
N LEU B 44 -6.28 10.62 2.64
CA LEU B 44 -6.48 10.92 1.23
C LEU B 44 -6.13 9.70 0.36
N ASN B 45 -5.08 8.98 0.74
CA ASN B 45 -4.69 7.78 0.04
C ASN B 45 -5.84 6.74 -0.01
N ASP B 46 -6.51 6.55 1.12
CA ASP B 46 -7.58 5.55 1.25
C ASP B 46 -8.79 5.99 0.40
N LEU B 47 -9.11 7.29 0.44
CA LEU B 47 -10.18 7.80 -0.40
C LEU B 47 -9.91 7.56 -1.86
N CYS B 48 -8.68 7.84 -2.31
CA CYS B 48 -8.33 7.64 -3.73
C CYS B 48 -8.29 6.16 -4.07
N HIS B 49 -7.73 5.35 -3.17
CA HIS B 49 -7.67 3.90 -3.41
C HIS B 49 -9.04 3.30 -3.68
N ASN B 50 -10.00 3.62 -2.81
CA ASN B 50 -11.33 3.06 -2.94
C ASN B 50 -12.07 3.63 -4.15
N PHE B 51 -11.81 4.89 -4.51
CA PHE B 51 -12.39 5.49 -5.73
C PHE B 51 -11.91 4.72 -6.96
N ILE B 52 -10.61 4.53 -7.03
CA ILE B 52 -9.99 3.84 -8.18
C ILE B 52 -10.53 2.39 -8.33
N THR B 53 -10.53 1.65 -7.24
CA THR B 53 -10.94 0.24 -7.35
C THR B 53 -12.45 0.09 -7.56
N SER B 54 -13.24 1.04 -7.06
CA SER B 54 -14.72 0.97 -7.26
C SER B 54 -15.06 1.27 -8.73
N HIS B 55 -14.10 1.81 -9.49
CA HIS B 55 -14.28 2.08 -10.94
C HIS B 55 -13.57 1.03 -11.80
N ASN B 56 -13.32 -0.15 -11.23
CA ASN B 56 -12.72 -1.27 -11.94
C ASN B 56 -11.33 -1.05 -12.50
N ALA B 57 -10.52 -0.34 -11.74
CA ALA B 57 -9.16 -0.02 -12.11
C ALA B 57 -8.25 -0.33 -10.94
N ILE B 58 -6.96 -0.20 -11.20
CA ILE B 58 -5.87 -0.49 -10.28
C ILE B 58 -5.04 0.75 -10.09
N PRO B 59 -4.69 1.07 -8.82
CA PRO B 59 -3.71 2.14 -8.58
C PRO B 59 -2.30 1.66 -8.88
N ALA B 60 -1.72 2.22 -9.94
CA ALA B 60 -0.39 1.81 -10.41
C ALA B 60 0.74 1.90 -9.35
N PRO B 61 0.74 2.92 -8.46
CA PRO B 61 1.82 3.07 -7.50
C PRO B 61 1.91 1.93 -6.49
N LEU B 62 0.79 1.25 -6.24
CA LEU B 62 0.72 0.28 -5.12
C LEU B 62 1.66 -0.91 -5.37
N ASN B 63 2.70 -0.98 -4.54
CA ASN B 63 3.81 -1.92 -4.67
C ASN B 63 4.64 -1.81 -5.94
N TYR B 64 4.55 -0.67 -6.62
CA TYR B 64 5.46 -0.39 -7.75
C TYR B 64 6.85 -0.19 -7.22
N LYS B 65 7.75 -1.12 -7.56
CA LYS B 65 9.11 -1.15 -7.01
C LYS B 65 9.08 -1.03 -5.48
N GLY B 66 8.07 -1.64 -4.88
CA GLY B 66 7.88 -1.64 -3.42
C GLY B 66 7.26 -0.42 -2.79
N PHE B 67 6.81 0.54 -3.59
CA PHE B 67 6.11 1.73 -3.02
C PHE B 67 4.90 1.31 -2.20
N PRO B 68 4.75 1.90 -1.00
CA PRO B 68 3.84 1.27 -0.06
C PRO B 68 2.40 1.78 -0.06
N LYS B 69 2.07 2.69 -0.97
CA LYS B 69 0.72 3.30 -0.96
C LYS B 69 0.16 3.41 -2.35
N SER B 70 -1.06 3.92 -2.48
CA SER B 70 -1.78 3.89 -3.75
C SER B 70 -1.61 5.17 -4.58
N ILE B 71 -1.30 6.29 -3.92
CA ILE B 71 -1.00 7.58 -4.56
C ILE B 71 0.30 8.15 -3.98
N CYS B 72 0.87 9.17 -4.63
CA CYS B 72 1.94 9.98 -3.99
C CYS B 72 1.35 11.30 -3.55
N THR B 73 1.78 11.75 -2.38
CA THR B 73 1.34 13.02 -1.76
C THR B 73 2.60 13.73 -1.31
N SER B 74 2.88 14.87 -1.94
CA SER B 74 4.14 15.60 -1.72
C SER B 74 3.81 16.98 -1.18
N ILE B 75 4.20 17.21 0.08
CA ILE B 75 3.88 18.46 0.76
C ILE B 75 5.07 19.46 0.79
N ASN B 76 4.80 20.73 0.48
CA ASN B 76 5.77 21.86 0.69
C ASN B 76 7.13 21.65 -0.01
N HIS B 77 8.21 21.43 0.75
CA HIS B 77 9.53 21.25 0.15
C HIS B 77 9.78 19.84 -0.39
N VAL B 78 8.78 18.97 -0.28
CA VAL B 78 8.86 17.66 -0.94
C VAL B 78 8.60 17.90 -2.43
N VAL B 79 9.51 17.38 -3.24
CA VAL B 79 9.56 17.64 -4.71
C VAL B 79 8.65 16.61 -5.43
N CYS B 80 8.79 15.36 -5.06
CA CYS B 80 7.95 14.31 -5.64
C CYS B 80 8.05 13.02 -4.85
N HIS B 81 7.11 12.12 -5.15
CA HIS B 81 7.06 10.76 -4.62
C HIS B 81 6.90 10.72 -3.11
N GLY B 82 6.29 11.74 -2.53
CA GLY B 82 6.05 11.66 -1.10
C GLY B 82 5.07 10.51 -0.80
N ILE B 83 5.26 9.90 0.37
CA ILE B 83 4.48 8.75 0.82
C ILE B 83 3.40 9.17 1.82
N PRO B 84 2.12 8.83 1.53
CA PRO B 84 1.03 9.09 2.48
C PRO B 84 1.39 8.59 3.89
N ASN B 85 1.07 9.39 4.90
CA ASN B 85 1.49 9.11 6.26
C ASN B 85 0.49 9.77 7.22
N ASP B 86 0.68 9.62 8.52
CA ASP B 86 -0.26 10.07 9.53
C ASP B 86 -0.10 11.51 10.00
N LYS B 87 0.72 12.30 9.29
CA LYS B 87 0.89 13.69 9.65
C LYS B 87 -0.30 14.50 9.19
N PRO B 88 -0.87 15.34 10.08
CA PRO B 88 -1.95 16.20 9.64
C PRO B 88 -1.45 17.32 8.71
N LEU B 89 -2.20 17.58 7.64
CA LEU B 89 -1.94 18.73 6.77
C LEU B 89 -2.22 19.98 7.59
N LYS B 90 -1.39 21.03 7.39
CA LYS B 90 -1.49 22.23 8.23
C LYS B 90 -1.98 23.38 7.37
N ASN B 91 -2.72 24.30 7.98
CA ASN B 91 -3.01 25.55 7.32
C ASN B 91 -1.76 26.21 6.69
N GLY B 92 -1.84 26.58 5.41
CA GLY B 92 -0.73 27.22 4.73
C GLY B 92 0.09 26.25 3.90
N ASP B 93 -0.11 24.95 4.11
CA ASP B 93 0.61 23.95 3.31
C ASP B 93 0.16 23.95 1.86
N ILE B 94 1.04 23.43 0.99
CA ILE B 94 0.67 23.15 -0.40
C ILE B 94 0.97 21.68 -0.57
N VAL B 95 0.12 21.00 -1.33
CA VAL B 95 0.29 19.57 -1.52
C VAL B 95 0.05 19.19 -2.97
N ASN B 96 0.96 18.36 -3.50
CA ASN B 96 0.70 17.67 -4.76
C ASN B 96 0.09 16.30 -4.51
N ILE B 97 -0.99 16.04 -5.24
CA ILE B 97 -1.57 14.71 -5.24
C ILE B 97 -1.37 14.13 -6.63
N ASP B 98 -0.72 12.97 -6.71
CA ASP B 98 -0.31 12.39 -7.97
C ASP B 98 -0.93 11.01 -8.07
N VAL B 99 -1.78 10.82 -9.08
CA VAL B 99 -2.52 9.57 -9.29
C VAL B 99 -2.06 8.89 -10.58
N THR B 100 -1.93 7.57 -10.55
CA THR B 100 -1.85 6.81 -11.79
C THR B 100 -2.78 5.60 -11.68
N VAL B 101 -3.67 5.49 -12.65
CA VAL B 101 -4.56 4.32 -12.70
C VAL B 101 -4.18 3.41 -13.87
N ILE B 102 -4.42 2.11 -13.72
CA ILE B 102 -4.31 1.17 -14.86
C ILE B 102 -5.75 0.70 -15.15
N LEU B 103 -6.23 0.96 -16.35
CA LEU B 103 -7.60 0.60 -16.75
C LEU B 103 -7.50 -0.21 -18.05
N ASP B 104 -7.89 -1.48 -17.96
CA ASP B 104 -7.78 -2.44 -19.10
C ASP B 104 -6.35 -2.53 -19.66
N GLY B 105 -5.37 -2.37 -18.76
CA GLY B 105 -3.98 -2.51 -19.14
C GLY B 105 -3.28 -1.23 -19.58
N TRP B 106 -4.02 -0.10 -19.57
CA TRP B 106 -3.46 1.20 -20.00
C TRP B 106 -3.34 2.16 -18.84
N TYR B 107 -2.25 2.93 -18.81
CA TYR B 107 -1.92 3.78 -17.65
C TYR B 107 -2.29 5.23 -17.90
N GLY B 108 -2.92 5.87 -16.92
CA GLY B 108 -3.22 7.29 -17.01
C GLY B 108 -2.63 7.98 -15.76
N ASP B 109 -1.76 8.96 -16.00
CA ASP B 109 -0.86 9.51 -14.95
C ASP B 109 -1.08 11.02 -14.85
N THR B 110 -1.52 11.53 -13.70
CA THR B 110 -1.74 12.97 -13.65
C THR B 110 -1.65 13.46 -12.22
N SER B 111 -1.19 14.71 -12.04
CA SER B 111 -1.12 15.27 -10.70
C SER B 111 -1.52 16.73 -10.70
N ARG B 112 -1.95 17.20 -9.54
CA ARG B 112 -2.30 18.64 -9.38
C ARG B 112 -1.86 19.13 -8.00
N MET B 113 -1.72 20.46 -7.88
CA MET B 113 -1.43 21.12 -6.60
C MET B 113 -2.72 21.55 -5.92
N TYR B 114 -2.71 21.44 -4.58
CA TYR B 114 -3.84 21.80 -3.74
C TYR B 114 -3.40 22.73 -2.65
N TYR B 115 -4.26 23.72 -2.36
CA TYR B 115 -4.08 24.56 -1.18
C TYR B 115 -4.61 23.86 0.08
N VAL B 116 -3.92 24.04 1.21
CA VAL B 116 -4.46 23.60 2.50
C VAL B 116 -4.76 24.84 3.31
N GLY B 117 -6.05 25.13 3.51
CA GLY B 117 -6.41 26.35 4.26
C GLY B 117 -6.02 27.60 3.50
N ASP B 118 -5.51 28.59 4.23
CA ASP B 118 -5.12 29.86 3.64
C ASP B 118 -3.65 29.81 3.26
N VAL B 119 -3.39 29.95 1.97
CA VAL B 119 -2.03 29.87 1.43
C VAL B 119 -1.52 31.27 1.11
N ALA B 120 -0.26 31.50 1.46
CA ALA B 120 0.39 32.78 1.20
C ALA B 120 0.61 33.09 -0.28
N ILE B 121 0.86 34.37 -0.57
CA ILE B 121 1.05 34.81 -1.96
C ILE B 121 2.19 34.10 -2.70
N LYS B 122 3.33 33.93 -2.06
CA LYS B 122 4.49 33.33 -2.71
CA LYS B 122 4.49 33.32 -2.72
C LYS B 122 4.26 31.87 -3.15
N PRO B 123 3.72 31.01 -2.24
CA PRO B 123 3.41 29.65 -2.71
C PRO B 123 2.37 29.63 -3.84
N LYS B 124 1.34 30.48 -3.77
CA LYS B 124 0.36 30.57 -4.87
C LYS B 124 1.00 30.93 -6.22
N ARG B 125 1.99 31.83 -6.20
CA ARG B 125 2.66 32.25 -7.43
C ARG B 125 3.43 31.07 -7.99
N LEU B 126 4.13 30.37 -7.12
CA LEU B 126 4.93 29.16 -7.51
C LEU B 126 4.04 28.10 -8.20
N ILE B 127 2.92 27.78 -7.55
CA ILE B 127 1.93 26.86 -8.11
C ILE B 127 1.44 27.31 -9.49
N GLN B 128 1.09 28.58 -9.61
CA GLN B 128 0.57 29.05 -10.92
C GLN B 128 1.62 28.95 -12.03
N VAL B 129 2.83 29.41 -11.72
CA VAL B 129 3.93 29.34 -12.69
C VAL B 129 4.18 27.91 -13.14
N THR B 130 4.11 26.97 -12.20
CA THR B 130 4.30 25.56 -12.52
C THR B 130 3.23 25.00 -13.45
N TYR B 131 1.95 25.30 -13.18
CA TYR B 131 0.92 24.91 -14.11
C TYR B 131 1.16 25.50 -15.50
N ASP B 132 1.39 26.82 -15.54
CA ASP B 132 1.61 27.52 -16.82
C ASP B 132 2.80 26.91 -17.60
N ALA B 133 3.86 26.55 -16.87
CA ALA B 133 5.06 26.02 -17.50
C ALA B 133 4.79 24.65 -18.11
N MET B 134 4.09 23.80 -17.36
CA MET B 134 3.65 22.52 -17.89
C MET B 134 2.92 22.73 -19.21
N MET B 135 1.98 23.69 -19.24
CA MET B 135 1.22 23.91 -20.46
C MET B 135 2.06 24.45 -21.61
N LYS B 136 3.06 25.28 -21.30
CA LYS B 136 3.99 25.77 -22.35
C LYS B 136 4.73 24.59 -22.98
N GLY B 137 5.08 23.61 -22.15
CA GLY B 137 5.74 22.43 -22.67
C GLY B 137 4.84 21.58 -23.55
N ILE B 138 3.61 21.35 -23.11
CA ILE B 138 2.69 20.49 -23.85
C ILE B 138 2.38 21.18 -25.21
N GLU B 139 2.27 22.50 -25.18
CA GLU B 139 1.82 23.28 -26.35
C GLU B 139 2.77 23.25 -27.56
N VAL B 140 4.04 22.91 -27.36
CA VAL B 140 4.94 22.77 -28.53
C VAL B 140 4.83 21.42 -29.22
N VAL B 141 4.13 20.49 -28.58
CA VAL B 141 4.09 19.12 -29.08
C VAL B 141 3.29 18.94 -30.38
N ARG B 142 3.94 18.32 -31.37
CA ARG B 142 3.37 18.03 -32.69
C ARG B 142 4.42 17.17 -33.39
N PRO B 143 4.01 16.39 -34.41
CA PRO B 143 5.04 15.69 -35.17
C PRO B 143 6.05 16.68 -35.76
N GLY B 144 7.34 16.32 -35.68
CA GLY B 144 8.39 17.17 -36.26
C GLY B 144 9.06 18.09 -35.26
N ALA B 145 8.35 18.43 -34.17
CA ALA B 145 8.98 19.13 -33.06
C ALA B 145 10.02 18.21 -32.40
N LYS B 146 10.95 18.77 -31.65
CA LYS B 146 12.01 17.98 -31.02
C LYS B 146 11.83 17.93 -29.51
N LEU B 147 12.34 16.88 -28.89
CA LEU B 147 12.19 16.68 -27.46
C LEU B 147 12.66 17.85 -26.63
N GLY B 148 13.76 18.47 -27.05
CA GLY B 148 14.33 19.61 -26.34
C GLY B 148 13.46 20.85 -26.39
N ASP B 149 12.56 20.93 -27.37
CA ASP B 149 11.59 22.05 -27.46
C ASP B 149 10.68 22.08 -26.24
N ILE B 150 10.29 20.90 -25.76
CA ILE B 150 9.46 20.76 -24.56
C ILE B 150 10.21 21.33 -23.35
N GLY B 151 11.43 20.85 -23.13
CA GLY B 151 12.24 21.27 -21.98
C GLY B 151 12.56 22.76 -22.04
N TYR B 152 12.90 23.26 -23.23
CA TYR B 152 13.18 24.70 -23.38
C TYR B 152 11.98 25.55 -22.99
N ALA B 153 10.79 25.17 -23.46
CA ALA B 153 9.57 25.93 -23.13
C ALA B 153 9.29 25.94 -21.63
N ILE B 154 9.45 24.78 -20.99
CA ILE B 154 9.18 24.73 -19.56
C ILE B 154 10.19 25.55 -18.76
N GLN B 155 11.46 25.30 -19.04
CA GLN B 155 12.55 25.97 -18.34
C GLN B 155 12.50 27.49 -18.57
N SER B 156 12.25 27.92 -19.80
CA SER B 156 12.21 29.36 -20.09
C SER B 156 11.16 30.02 -19.21
N TYR B 157 9.99 29.39 -19.10
CA TYR B 157 8.89 30.03 -18.41
C TYR B 157 9.18 30.05 -16.92
N ALA B 158 9.71 28.96 -16.39
CA ALA B 158 9.95 28.96 -14.94
C ALA B 158 11.05 29.97 -14.52
N GLU B 159 12.14 29.96 -15.30
CA GLU B 159 13.31 30.78 -14.99
C GLU B 159 13.03 32.29 -15.14
N LYS B 160 12.10 32.67 -16.02
CA LYS B 160 11.82 34.09 -16.21
C LYS B 160 11.12 34.64 -14.95
N HIS B 161 10.59 33.73 -14.12
CA HIS B 161 9.95 34.08 -12.82
C HIS B 161 10.85 33.84 -11.62
N ASN B 162 12.15 33.64 -11.90
CA ASN B 162 13.19 33.42 -10.89
C ASN B 162 13.04 32.09 -10.11
N TYR B 163 12.45 31.09 -10.72
CA TYR B 163 12.37 29.75 -10.13
C TYR B 163 13.38 28.84 -10.82
N SER B 164 13.61 27.64 -10.27
CA SER B 164 14.54 26.69 -10.89
C SER B 164 13.82 25.42 -11.25
N VAL B 165 14.42 24.64 -12.18
CA VAL B 165 13.79 23.43 -12.66
C VAL B 165 14.54 22.19 -12.19
N VAL B 166 13.83 21.27 -11.54
CA VAL B 166 14.45 20.01 -11.10
C VAL B 166 15.00 19.22 -12.31
N ARG B 167 16.25 18.79 -12.22
CA ARG B 167 16.92 18.07 -13.30
C ARG B 167 16.95 16.57 -13.11
N ASP B 168 16.78 16.13 -11.86
CA ASP B 168 17.06 14.74 -11.45
C ASP B 168 15.90 13.81 -11.77
N TYR B 169 14.73 14.38 -12.04
CA TYR B 169 13.49 13.63 -12.24
C TYR B 169 12.82 14.20 -13.47
N THR B 170 12.20 13.31 -14.26
CA THR B 170 11.66 13.70 -15.56
C THR B 170 10.31 13.03 -15.84
N GLY B 171 9.67 13.48 -16.92
CA GLY B 171 8.49 12.82 -17.48
C GLY B 171 8.95 11.61 -18.25
N HIS B 172 8.00 10.86 -18.81
CA HIS B 172 8.31 9.53 -19.35
C HIS B 172 7.27 9.08 -20.38
N GLY B 173 7.71 8.23 -21.30
CA GLY B 173 6.77 7.43 -22.10
C GLY B 173 5.84 6.62 -21.21
N ILE B 174 4.67 6.31 -21.73
CA ILE B 174 3.65 5.62 -20.97
C ILE B 174 2.65 5.02 -21.95
N GLY B 175 1.89 4.03 -21.50
CA GLY B 175 0.91 3.37 -22.40
C GLY B 175 0.52 2.07 -21.73
N ARG B 176 1.02 0.97 -22.27
CA ARG B 176 0.88 -0.33 -21.59
C ARG B 176 1.92 -0.58 -20.48
N VAL B 177 2.89 0.35 -20.39
CA VAL B 177 3.94 0.35 -19.36
C VAL B 177 3.83 1.67 -18.58
N PHE B 178 4.15 1.66 -17.30
CA PHE B 178 4.12 2.89 -16.45
C PHE B 178 5.21 3.86 -16.92
N HIS B 179 6.47 3.42 -16.89
CA HIS B 179 7.62 4.27 -17.20
C HIS B 179 8.36 3.71 -18.39
N ASP B 180 8.06 4.25 -19.57
CA ASP B 180 8.63 3.80 -20.85
C ASP B 180 9.44 4.95 -21.46
N LYS B 181 10.00 4.71 -22.63
CA LYS B 181 10.86 5.68 -23.32
C LYS B 181 10.05 6.67 -24.12
N PRO B 182 10.58 7.88 -24.34
CA PRO B 182 11.87 8.39 -23.87
C PRO B 182 11.66 9.16 -22.56
N SER B 183 12.77 9.62 -21.94
CA SER B 183 12.64 10.54 -20.81
C SER B 183 12.28 11.92 -21.36
N ILE B 184 11.33 12.58 -20.70
CA ILE B 184 10.84 13.91 -21.06
C ILE B 184 11.42 14.91 -20.05
N LEU B 185 12.59 15.47 -20.40
CA LEU B 185 13.24 16.41 -19.49
C LEU B 185 12.50 17.73 -19.43
N ASN B 186 12.54 18.37 -18.26
CA ASN B 186 11.83 19.62 -18.04
C ASN B 186 12.72 20.83 -18.26
N TYR B 187 13.88 20.56 -18.85
CA TYR B 187 14.87 21.58 -19.20
C TYR B 187 15.52 21.16 -20.50
N GLY B 188 15.98 22.14 -21.25
CA GLY B 188 16.67 21.79 -22.49
C GLY B 188 16.87 22.96 -23.41
N ARG B 189 17.41 22.64 -24.58
CA ARG B 189 17.74 23.65 -25.57
C ARG B 189 16.85 23.42 -26.76
N ASN B 190 16.39 24.52 -27.33
CA ASN B 190 15.50 24.48 -28.44
C ASN B 190 16.12 23.69 -29.59
N GLY B 191 15.33 22.86 -30.24
CA GLY B 191 15.73 22.18 -31.48
C GLY B 191 16.72 21.04 -31.31
N THR B 192 16.87 20.54 -30.09
CA THR B 192 17.76 19.41 -29.81
C THR B 192 16.93 18.18 -29.42
N GLY B 193 17.57 17.01 -29.48
CA GLY B 193 16.92 15.76 -29.07
C GLY B 193 16.13 15.12 -30.20
N LEU B 194 15.51 13.98 -29.92
CA LEU B 194 14.86 13.22 -30.98
C LEU B 194 13.57 13.89 -31.46
N THR B 195 13.16 13.50 -32.66
CA THR B 195 12.00 14.10 -33.32
C THR B 195 10.70 13.40 -32.89
N LEU B 196 9.72 14.19 -32.46
CA LEU B 196 8.42 13.66 -32.06
C LEU B 196 7.70 13.10 -33.26
N LYS B 197 6.94 12.03 -33.03
CA LYS B 197 6.19 11.33 -34.07
CA LYS B 197 6.19 11.33 -34.06
C LYS B 197 4.74 11.11 -33.61
N GLU B 198 3.80 11.22 -34.56
CA GLU B 198 2.41 10.87 -34.32
C GLU B 198 2.36 9.50 -33.66
N GLY B 199 1.58 9.38 -32.57
CA GLY B 199 1.34 8.10 -31.92
C GLY B 199 2.20 7.82 -30.69
N MET B 200 3.13 8.72 -30.38
CA MET B 200 3.84 8.67 -29.10
C MET B 200 2.97 9.15 -27.95
N PHE B 201 3.06 8.44 -26.83
CA PHE B 201 2.39 8.88 -25.60
C PHE B 201 3.46 9.12 -24.54
N PHE B 202 3.30 10.17 -23.73
CA PHE B 202 4.27 10.42 -22.66
C PHE B 202 3.68 11.43 -21.70
N THR B 203 4.32 11.58 -20.55
CA THR B 203 3.90 12.57 -19.57
C THR B 203 4.71 13.87 -19.66
N VAL B 204 4.08 14.95 -19.21
CA VAL B 204 4.78 16.21 -18.99
C VAL B 204 4.53 16.58 -17.55
N GLU B 205 5.60 16.60 -16.74
CA GLU B 205 5.45 16.67 -15.28
C GLU B 205 6.54 17.50 -14.59
N PRO B 206 6.58 18.80 -14.91
CA PRO B 206 7.65 19.61 -14.34
C PRO B 206 7.56 19.79 -12.84
N MET B 207 8.73 19.73 -12.21
CA MET B 207 8.89 20.07 -10.80
C MET B 207 9.72 21.35 -10.73
N ILE B 208 9.13 22.40 -10.12
CA ILE B 208 9.75 23.72 -10.12
C ILE B 208 9.96 24.14 -8.66
N ASN B 209 11.18 24.59 -8.35
CA ASN B 209 11.53 25.03 -6.99
C ASN B 209 11.57 26.54 -6.83
N ALA B 210 11.16 27.03 -5.67
CA ALA B 210 11.26 28.48 -5.39
C ALA B 210 12.74 28.92 -5.27
N GLY B 211 13.60 28.02 -4.80
CA GLY B 211 15.04 28.29 -4.62
C GLY B 211 15.87 27.62 -5.69
N ASN B 212 16.87 26.84 -5.26
CA ASN B 212 17.80 26.19 -6.16
C ASN B 212 17.28 24.83 -6.60
N TYR B 213 17.83 24.28 -7.69
CA TYR B 213 17.29 23.02 -8.24
C TYR B 213 17.68 21.70 -7.60
N ASP B 214 18.71 21.75 -6.75
CA ASP B 214 19.27 20.54 -6.14
CA ASP B 214 19.25 20.53 -6.16
C ASP B 214 18.24 19.83 -5.26
N THR B 215 18.22 18.51 -5.36
CA THR B 215 17.30 17.70 -4.56
C THR B 215 18.04 16.64 -3.75
N ILE B 216 17.33 16.03 -2.80
CA ILE B 216 17.86 14.97 -1.95
C ILE B 216 16.84 13.83 -1.86
N LEU B 217 17.32 12.59 -2.00
CA LEU B 217 16.46 11.41 -1.81
C LEU B 217 16.55 10.89 -0.39
N SER B 218 15.39 10.57 0.21
CA SER B 218 15.33 10.11 1.62
C SER B 218 16.18 8.84 1.81
N LYS B 219 17.06 8.88 2.81
CA LYS B 219 17.82 7.68 3.17
C LYS B 219 16.91 6.67 3.89
N LEU B 220 15.79 7.16 4.43
CA LEU B 220 14.95 6.35 5.31
C LEU B 220 13.88 5.55 4.55
N ASP B 221 13.21 6.19 3.58
CA ASP B 221 12.11 5.50 2.91
C ASP B 221 12.36 5.11 1.45
N GLY B 222 13.48 5.56 0.91
CA GLY B 222 13.92 5.23 -0.47
C GLY B 222 13.17 5.92 -1.61
N TRP B 223 12.27 6.85 -1.27
CA TRP B 223 11.34 7.44 -2.22
C TRP B 223 11.25 8.97 -2.19
N THR B 224 11.08 9.51 -0.98
CA THR B 224 10.66 10.91 -0.82
C THR B 224 11.80 11.83 -1.27
N VAL B 225 11.55 12.68 -2.27
CA VAL B 225 12.57 13.61 -2.76
C VAL B 225 12.25 14.99 -2.19
N THR B 226 13.27 15.66 -1.62
CA THR B 226 13.06 17.02 -1.11
C THR B 226 14.05 18.01 -1.71
N THR B 227 13.77 19.29 -1.59
CA THR B 227 14.72 20.30 -2.07
C THR B 227 15.89 20.37 -1.08
N ARG B 228 17.11 20.44 -1.61
CA ARG B 228 18.30 20.56 -0.72
C ARG B 228 18.26 21.83 0.17
N ASP B 229 17.75 22.93 -0.38
CA ASP B 229 17.67 24.18 0.36
C ASP B 229 16.37 24.36 1.16
N LYS B 230 15.51 23.34 1.14
CA LYS B 230 14.22 23.35 1.83
C LYS B 230 13.27 24.44 1.33
N SER B 231 13.53 24.94 0.11
CA SER B 231 12.57 25.83 -0.54
C SER B 231 11.33 25.04 -0.97
N LEU B 232 10.23 25.76 -1.21
CA LEU B 232 9.01 25.11 -1.72
C LEU B 232 9.20 24.61 -3.16
N SER B 233 8.49 23.53 -3.50
CA SER B 233 8.55 22.93 -4.83
C SER B 233 7.12 22.59 -5.27
N ALA B 234 6.79 22.84 -6.52
CA ALA B 234 5.43 22.49 -7.03
C ALA B 234 5.51 21.67 -8.29
N GLN B 235 4.47 20.89 -8.56
CA GLN B 235 4.47 20.01 -9.73
C GLN B 235 3.02 19.91 -10.26
N PHE B 236 2.85 19.82 -11.59
CA PHE B 236 1.60 19.36 -12.19
C PHE B 236 2.03 18.31 -13.19
N GLU B 237 1.13 17.42 -13.57
CA GLU B 237 1.44 16.40 -14.59
C GLU B 237 0.21 16.12 -15.41
N HIS B 238 0.41 15.94 -16.72
CA HIS B 238 -0.62 15.41 -17.61
C HIS B 238 0.00 14.28 -18.43
N THR B 239 -0.86 13.34 -18.89
CA THR B 239 -0.47 12.33 -19.89
C THR B 239 -1.00 12.81 -21.24
N ILE B 240 -0.16 12.77 -22.26
CA ILE B 240 -0.51 13.27 -23.60
C ILE B 240 -0.15 12.30 -24.70
N GLY B 241 -0.74 12.56 -25.85
CA GLY B 241 -0.39 11.83 -27.09
C GLY B 241 -0.08 12.83 -28.20
N VAL B 242 0.79 12.42 -29.11
CA VAL B 242 1.10 13.20 -30.30
C VAL B 242 0.10 12.81 -31.41
N THR B 243 -0.64 13.80 -31.93
CA THR B 243 -1.63 13.55 -32.98
C THR B 243 -1.00 13.83 -34.34
N LYS B 244 -1.80 13.79 -35.41
CA LYS B 244 -1.24 14.05 -36.75
C LYS B 244 -0.66 15.45 -36.90
N ASP B 245 -1.17 16.42 -36.15
CA ASP B 245 -0.65 17.79 -36.26
C ASP B 245 -0.54 18.57 -34.97
N GLY B 246 -0.51 17.88 -33.84
CA GLY B 246 -0.45 18.58 -32.56
C GLY B 246 -0.40 17.55 -31.45
N PHE B 247 -1.24 17.78 -30.45
CA PHE B 247 -1.24 16.97 -29.23
C PHE B 247 -2.68 16.75 -28.72
N GLU B 248 -2.81 15.79 -27.82
CA GLU B 248 -4.08 15.54 -27.17
C GLU B 248 -3.78 15.24 -25.71
N ILE B 249 -4.44 15.95 -24.79
CA ILE B 249 -4.23 15.67 -23.35
C ILE B 249 -5.28 14.64 -22.90
N PHE B 250 -4.83 13.55 -22.28
CA PHE B 250 -5.76 12.47 -21.94
C PHE B 250 -6.34 12.65 -20.52
N THR B 251 -5.72 13.55 -19.77
CA THR B 251 -5.98 13.69 -18.34
C THR B 251 -6.58 15.02 -17.96
N LEU B 252 -7.33 15.66 -18.87
CA LEU B 252 -8.01 16.88 -18.48
C LEU B 252 -9.10 16.66 -17.44
N SER B 253 -9.15 17.54 -16.42
CA SER B 253 -10.24 17.51 -15.45
C SER B 253 -11.63 17.63 -16.12
N PRO B 254 -12.52 16.64 -15.93
CA PRO B 254 -13.84 16.83 -16.53
C PRO B 254 -14.60 18.03 -15.95
N LYS B 255 -14.34 18.36 -14.70
CA LYS B 255 -14.98 19.48 -14.01
C LYS B 255 -14.23 20.82 -14.13
N LYS B 256 -13.20 20.85 -14.98
CA LYS B 256 -12.34 22.04 -15.21
C LYS B 256 -11.66 22.52 -13.94
N LEU B 257 -11.28 21.57 -13.10
CA LEU B 257 -10.55 21.85 -11.87
C LEU B 257 -9.08 21.72 -12.23
N ASP B 258 -8.60 22.66 -13.04
CA ASP B 258 -7.26 22.50 -13.65
C ASP B 258 -6.13 22.92 -12.70
N TYR B 259 -6.37 23.99 -11.92
CA TYR B 259 -5.37 24.47 -10.99
C TYR B 259 -6.11 25.26 -9.92
N PRO B 260 -5.53 25.40 -8.72
CA PRO B 260 -6.25 26.05 -7.62
C PRO B 260 -6.32 27.58 -7.77
N PRO B 261 -7.29 28.23 -7.10
CA PRO B 261 -8.29 27.65 -6.20
C PRO B 261 -9.38 26.91 -6.99
N TYR B 262 -9.97 25.92 -6.35
CA TYR B 262 -10.96 25.08 -7.01
C TYR B 262 -12.39 25.47 -6.65
#